data_6V2D
#
_entry.id   6V2D
#
_cell.length_a   45.979
_cell.length_b   83.835
_cell.length_c   115.288
_cell.angle_alpha   90.000
_cell.angle_beta   90.000
_cell.angle_gamma   90.000
#
_symmetry.space_group_name_H-M   'P 21 21 21'
#
loop_
_entity.id
_entity.type
_entity.pdbx_description
1 polymer 'Chromodomain Y-like protein 2'
2 polymer UNC3866
3 non-polymer 'UNKNOWN ATOM OR ION'
4 water water
#
loop_
_entity_poly.entity_id
_entity_poly.type
_entity_poly.pdbx_seq_one_letter_code
_entity_poly.pdbx_strand_id
1 'polypeptide(L)' GASGDLYEVERIVDKRKNKKGKWEYLIRWKGYGSTEDTWEPEHHLLHCEEFIDEFNGLHMSKDK A,C,E,G,I,K
2 'polypeptide(L)' (5R0)FAL(ELY)(5R5) J,L,B,D,F,H
#
# COMPACT_ATOMS: atom_id res chain seq x y z
N SER A 3 16.32 -19.88 9.61
CA SER A 3 17.00 -18.83 8.84
C SER A 3 16.01 -18.00 7.97
N GLY A 4 16.48 -16.85 7.49
CA GLY A 4 15.64 -16.02 6.65
C GLY A 4 15.61 -16.51 5.22
N ASP A 5 14.51 -16.22 4.54
CA ASP A 5 14.32 -16.57 3.14
C ASP A 5 14.11 -15.31 2.33
N LEU A 6 14.97 -15.09 1.33
CA LEU A 6 14.80 -13.97 0.42
C LEU A 6 13.82 -14.37 -0.68
N TYR A 7 12.79 -13.55 -0.90
CA TYR A 7 11.88 -13.78 -2.01
C TYR A 7 11.82 -12.51 -2.85
N GLU A 8 11.44 -12.70 -4.11
CA GLU A 8 11.37 -11.58 -5.04
C GLU A 8 10.11 -10.75 -4.81
N VAL A 9 10.29 -9.45 -4.82
CA VAL A 9 9.27 -8.45 -4.60
C VAL A 9 8.62 -8.09 -5.92
N GLU A 10 7.31 -7.87 -5.91
CA GLU A 10 6.62 -7.33 -7.08
C GLU A 10 6.44 -5.84 -6.97
N ARG A 11 5.89 -5.37 -5.86
CA ARG A 11 5.78 -3.93 -5.63
C ARG A 11 5.48 -3.73 -4.15
N ILE A 12 5.47 -2.47 -3.75
CA ILE A 12 5.10 -2.06 -2.40
C ILE A 12 3.67 -1.53 -2.45
N VAL A 13 2.82 -2.00 -1.53
CA VAL A 13 1.38 -1.71 -1.58
C VAL A 13 1.04 -0.60 -0.61
N ASP A 14 1.79 -0.48 0.47
CA ASP A 14 1.49 0.51 1.49
C ASP A 14 2.69 0.56 2.43
N LYS A 15 2.69 1.55 3.33
CA LYS A 15 3.79 1.70 4.27
C LYS A 15 3.28 2.30 5.58
N ARG A 16 4.07 2.10 6.64
CA ARG A 16 3.74 2.60 7.98
C ARG A 16 5.04 2.73 8.77
N LYS A 17 4.93 3.31 9.97
CA LYS A 17 6.05 3.48 10.89
C LYS A 17 6.01 2.46 12.01
N ASN A 18 7.17 1.94 12.41
CA ASN A 18 7.22 1.17 13.65
C ASN A 18 7.43 2.13 14.85
N LYS A 19 7.36 1.56 16.06
CA LYS A 19 7.56 2.34 17.29
C LYS A 19 8.90 3.06 17.32
N LYS A 20 9.91 2.57 16.61
CA LYS A 20 11.22 3.21 16.61
C LYS A 20 11.37 4.21 15.47
N GLY A 21 10.29 4.55 14.78
CA GLY A 21 10.38 5.51 13.70
C GLY A 21 10.91 5.01 12.37
N LYS A 22 11.05 3.70 12.18
CA LYS A 22 11.51 3.15 10.91
C LYS A 22 10.33 2.67 10.07
N TRP A 23 10.50 2.70 8.74
CA TRP A 23 9.42 2.27 7.85
C TRP A 23 9.24 0.75 7.93
N GLU A 24 7.99 0.34 7.79
CA GLU A 24 7.62 -1.01 7.42
C GLU A 24 6.79 -0.92 6.16
N TYR A 25 6.90 -1.93 5.30
CA TYR A 25 6.33 -1.87 3.97
C TYR A 25 5.46 -3.10 3.74
N LEU A 26 4.29 -2.90 3.19
CA LEU A 26 3.40 -4.01 2.84
C LEU A 26 3.80 -4.51 1.45
N ILE A 27 4.26 -5.75 1.37
CA ILE A 27 4.93 -6.30 0.19
C ILE A 27 3.95 -7.15 -0.61
N ARG A 28 3.82 -6.86 -1.91
CA ARG A 28 3.25 -7.79 -2.88
C ARG A 28 4.39 -8.69 -3.37
N TRP A 29 4.29 -10.00 -3.16
CA TRP A 29 5.36 -10.86 -3.63
C TRP A 29 5.15 -11.28 -5.08
N LYS A 30 6.24 -11.29 -5.85
CA LYS A 30 6.18 -11.80 -7.22
C LYS A 30 5.67 -13.24 -7.26
N GLY A 31 4.64 -13.48 -8.07
CA GLY A 31 4.04 -14.81 -8.21
C GLY A 31 2.84 -15.06 -7.32
N TYR A 32 2.47 -14.09 -6.48
CA TYR A 32 1.44 -14.29 -5.47
C TYR A 32 0.45 -13.12 -5.50
N GLY A 33 -0.75 -13.36 -4.98
CA GLY A 33 -1.80 -12.37 -4.99
C GLY A 33 -1.80 -11.57 -3.69
N SER A 34 -2.89 -10.83 -3.47
CA SER A 34 -2.98 -9.95 -2.32
C SER A 34 -3.20 -10.69 -1.00
N THR A 35 -3.65 -11.96 -1.03
CA THR A 35 -3.77 -12.72 0.21
C THR A 35 -2.44 -13.11 0.84
N GLU A 36 -1.31 -12.99 0.12
CA GLU A 36 -0.02 -13.32 0.68
C GLU A 36 0.80 -12.11 1.06
N ASP A 37 0.26 -10.89 0.92
CA ASP A 37 1.00 -9.70 1.30
C ASP A 37 1.39 -9.78 2.78
N THR A 38 2.62 -9.32 3.08
CA THR A 38 3.10 -9.28 4.45
C THR A 38 3.72 -7.91 4.76
N TRP A 39 3.62 -7.48 6.02
CA TRP A 39 4.31 -6.26 6.45
C TRP A 39 5.75 -6.61 6.80
N GLU A 40 6.70 -5.97 6.13
CA GLU A 40 8.12 -6.25 6.40
C GLU A 40 8.85 -4.98 6.83
N PRO A 41 9.67 -5.04 7.88
CA PRO A 41 10.48 -3.89 8.24
C PRO A 41 11.49 -3.57 7.14
N GLU A 42 11.91 -2.30 7.09
CA GLU A 42 12.81 -1.87 6.02
C GLU A 42 14.10 -2.68 6.00
N HIS A 43 14.57 -3.14 7.15
CA HIS A 43 15.86 -3.84 7.15
C HIS A 43 15.75 -5.25 6.58
N HIS A 44 14.55 -5.70 6.22
CA HIS A 44 14.38 -6.96 5.50
C HIS A 44 14.65 -6.84 4.01
N LEU A 45 14.72 -5.62 3.47
CA LEU A 45 14.69 -5.35 2.04
C LEU A 45 16.11 -5.18 1.50
N LEU A 46 16.38 -5.79 0.35
CA LEU A 46 17.71 -5.78 -0.25
C LEU A 46 17.63 -5.03 -1.57
N HIS A 47 18.24 -3.83 -1.61
CA HIS A 47 18.35 -3.02 -2.83
C HIS A 47 16.99 -2.72 -3.41
N CYS A 48 16.01 -2.47 -2.54
CA CYS A 48 14.64 -2.22 -2.95
C CYS A 48 14.32 -0.74 -3.09
N GLU A 49 15.33 0.12 -3.22
CA GLU A 49 15.08 1.56 -3.25
C GLU A 49 14.12 1.96 -4.37
N GLU A 50 14.22 1.31 -5.53
CA GLU A 50 13.37 1.67 -6.67
C GLU A 50 11.90 1.41 -6.38
N PHE A 51 11.60 0.29 -5.72
CA PHE A 51 10.23 0.03 -5.29
C PHE A 51 9.74 1.11 -4.33
N ILE A 52 10.61 1.54 -3.41
CA ILE A 52 10.22 2.54 -2.44
C ILE A 52 9.97 3.87 -3.13
N ASP A 53 10.86 4.22 -4.07
CA ASP A 53 10.70 5.46 -4.82
C ASP A 53 9.47 5.41 -5.70
N GLU A 54 9.17 4.25 -6.29
CA GLU A 54 7.97 4.12 -7.11
C GLU A 54 6.70 4.26 -6.28
N PHE A 55 6.71 3.72 -5.06
CA PHE A 55 5.53 3.86 -4.22
C PHE A 55 5.34 5.30 -3.77
N ASN A 56 6.42 5.96 -3.29
CA ASN A 56 6.33 7.35 -2.87
C ASN A 56 6.15 8.30 -4.05
N GLY A 57 6.55 7.89 -5.24
CA GLY A 57 6.48 8.76 -6.41
C GLY A 57 5.16 8.91 -7.11
N LEU A 58 4.22 7.97 -6.91
CA LEU A 58 2.84 8.16 -7.42
CA ALA B 2 11.16 -19.94 -5.40
C ALA B 2 12.07 -19.04 -4.55
N SER B 3 12.72 -19.62 -3.54
CA SER B 3 13.54 -18.87 -2.60
C SER B 3 14.90 -18.49 -3.22
N GLY B 4 15.42 -17.33 -2.80
CA GLY B 4 16.68 -16.83 -3.32
C GLY B 4 17.85 -17.41 -2.53
N ASP B 5 18.93 -17.74 -3.26
CA ASP B 5 20.08 -18.42 -2.68
C ASP B 5 21.35 -17.60 -2.86
N LEU B 6 21.96 -17.21 -1.73
CA LEU B 6 23.20 -16.44 -1.73
C LEU B 6 24.39 -17.39 -1.79
N TYR B 7 25.31 -17.12 -2.70
CA TYR B 7 26.56 -17.85 -2.79
C TYR B 7 27.73 -16.87 -2.81
N GLU B 8 28.90 -17.38 -2.40
CA GLU B 8 30.08 -16.55 -2.29
C GLU B 8 30.67 -16.23 -3.66
N VAL B 9 30.92 -14.93 -3.89
CA VAL B 9 31.58 -14.45 -5.09
C VAL B 9 33.10 -14.56 -4.95
N GLU B 10 33.78 -15.04 -6.00
CA GLU B 10 35.24 -15.02 -6.09
C GLU B 10 35.74 -13.76 -6.78
N ARG B 11 35.16 -13.41 -7.93
CA ARG B 11 35.42 -12.12 -8.54
C ARG B 11 34.40 -11.87 -9.64
N ILE B 12 34.43 -10.65 -10.16
CA ILE B 12 33.62 -10.23 -11.29
C ILE B 12 34.50 -10.21 -12.52
N VAL B 13 34.02 -10.81 -13.60
CA VAL B 13 34.85 -11.02 -14.77
C VAL B 13 34.39 -10.20 -15.95
N ASP B 14 33.20 -9.61 -15.90
CA ASP B 14 32.75 -8.74 -16.98
C ASP B 14 31.57 -7.93 -16.44
N LYS B 15 31.17 -6.90 -17.20
CA LYS B 15 29.95 -6.16 -16.86
C LYS B 15 29.31 -5.62 -18.13
N ARG B 16 28.04 -5.24 -18.01
CA ARG B 16 27.23 -4.69 -19.09
C ARG B 16 26.01 -4.04 -18.43
N LYS B 17 25.20 -3.33 -19.23
CA LYS B 17 23.97 -2.71 -18.73
C LYS B 17 22.74 -3.41 -19.28
N ASN B 18 21.67 -3.48 -18.47
CA ASN B 18 20.41 -4.03 -18.91
C ASN B 18 19.60 -2.96 -19.63
N LYS B 19 18.44 -3.36 -20.18
CA LYS B 19 17.60 -2.46 -20.97
C LYS B 19 17.11 -1.27 -20.16
N LYS B 20 17.20 -1.35 -18.83
CA LYS B 20 16.78 -0.28 -17.95
C LYS B 20 17.97 0.54 -17.47
N GLY B 21 19.16 0.27 -18.01
CA GLY B 21 20.35 1.05 -17.71
C GLY B 21 21.07 0.69 -16.41
N LYS B 22 20.78 -0.43 -15.79
CA LYS B 22 21.47 -0.82 -14.57
C LYS B 22 22.54 -1.87 -14.90
N TRP B 23 23.58 -1.91 -14.07
CA TRP B 23 24.65 -2.86 -14.32
C TRP B 23 24.22 -4.31 -14.10
N GLU B 24 24.79 -5.19 -14.92
CA GLU B 24 24.83 -6.62 -14.69
C GLU B 24 26.30 -7.08 -14.66
N TYR B 25 26.60 -8.06 -13.80
CA TYR B 25 27.98 -8.49 -13.60
C TYR B 25 28.12 -9.98 -13.86
N LEU B 26 29.19 -10.37 -14.55
CA LEU B 26 29.45 -11.77 -14.83
C LEU B 26 30.24 -12.32 -13.65
N ILE B 27 29.58 -13.16 -12.83
CA ILE B 27 30.10 -13.57 -11.52
C ILE B 27 30.85 -14.89 -11.69
N ARG B 28 32.06 -14.94 -11.19
CA ARG B 28 32.81 -16.18 -10.99
C ARG B 28 32.58 -16.55 -9.53
N TRP B 29 31.86 -17.66 -9.31
CA TRP B 29 31.49 -18.08 -7.97
C TRP B 29 32.62 -18.85 -7.32
N LYS B 30 32.84 -18.59 -6.03
CA LYS B 30 33.91 -19.28 -5.31
C LYS B 30 33.62 -20.78 -5.23
N GLY B 31 34.63 -21.61 -5.50
CA GLY B 31 34.45 -23.05 -5.56
C GLY B 31 34.13 -23.60 -6.94
N TYR B 32 33.78 -22.75 -7.90
CA TYR B 32 33.40 -23.19 -9.23
C TYR B 32 34.30 -22.50 -10.27
N GLY B 33 34.04 -22.76 -11.54
CA GLY B 33 34.83 -22.14 -12.59
C GLY B 33 34.01 -21.53 -13.70
N SER B 34 34.61 -21.40 -14.89
CA SER B 34 33.97 -20.73 -16.02
C SER B 34 32.58 -21.30 -16.34
N THR B 35 32.42 -22.63 -16.30
CA THR B 35 31.12 -23.22 -16.63
C THR B 35 29.99 -22.66 -15.79
N GLU B 36 30.27 -22.32 -14.54
CA GLU B 36 29.22 -21.84 -13.66
C GLU B 36 29.03 -20.32 -13.67
N ASP B 37 29.81 -19.57 -14.47
CA ASP B 37 29.68 -18.12 -14.47
C ASP B 37 28.29 -17.72 -14.94
N THR B 38 27.68 -16.76 -14.24
CA THR B 38 26.36 -16.27 -14.61
C THR B 38 26.33 -14.75 -14.53
N TRP B 39 25.50 -14.17 -15.41
CA TRP B 39 25.24 -12.74 -15.38
C TRP B 39 24.16 -12.46 -14.34
N GLU B 40 24.50 -11.64 -13.35
CA GLU B 40 23.60 -11.33 -12.24
C GLU B 40 23.31 -9.83 -12.20
N PRO B 41 22.05 -9.43 -12.14
CA PRO B 41 21.73 -8.02 -11.95
C PRO B 41 22.37 -7.48 -10.67
N GLU B 42 22.62 -6.18 -10.69
CA GLU B 42 23.36 -5.56 -9.61
C GLU B 42 22.64 -5.67 -8.28
N HIS B 43 21.30 -5.81 -8.31
CA HIS B 43 20.57 -5.87 -7.04
C HIS B 43 20.70 -7.22 -6.37
N HIS B 44 21.31 -8.21 -7.05
CA HIS B 44 21.61 -9.51 -6.44
C HIS B 44 22.81 -9.49 -5.50
N LEU B 45 23.64 -8.47 -5.55
CA LEU B 45 24.93 -8.50 -4.87
C LEU B 45 24.79 -7.87 -3.49
N LEU B 46 25.42 -8.51 -2.51
CA LEU B 46 25.42 -8.02 -1.14
C LEU B 46 26.83 -7.59 -0.80
N HIS B 47 27.03 -6.29 -0.60
CA HIS B 47 28.32 -5.72 -0.18
C HIS B 47 29.44 -6.16 -1.10
N CYS B 48 29.18 -6.12 -2.41
CA CYS B 48 30.17 -6.54 -3.39
C CYS B 48 30.91 -5.36 -4.01
N GLU B 49 30.97 -4.21 -3.32
CA GLU B 49 31.59 -3.01 -3.89
C GLU B 49 33.08 -3.23 -4.15
N GLU B 50 33.78 -3.92 -3.24
CA GLU B 50 35.21 -4.16 -3.45
CA GLU B 50 35.21 -4.17 -3.43
C GLU B 50 35.47 -5.02 -4.67
N PHE B 51 34.52 -5.90 -5.04
CA PHE B 51 34.64 -6.68 -6.26
C PHE B 51 34.37 -5.82 -7.48
N ILE B 52 33.34 -4.99 -7.42
CA ILE B 52 33.09 -4.01 -8.47
C ILE B 52 34.29 -3.07 -8.60
N ASP B 53 34.78 -2.57 -7.47
CA ASP B 53 35.92 -1.66 -7.50
C ASP B 53 37.14 -2.30 -8.14
N GLU B 54 37.44 -3.57 -7.80
CA GLU B 54 38.58 -4.26 -8.40
CA GLU B 54 38.59 -4.23 -8.40
C GLU B 54 38.40 -4.43 -9.90
N PHE B 55 37.18 -4.76 -10.34
CA PHE B 55 36.96 -4.93 -11.78
C PHE B 55 37.13 -3.61 -12.53
N ASN B 56 36.61 -2.52 -11.97
CA ASN B 56 36.78 -1.24 -12.64
C ASN B 56 38.18 -0.69 -12.49
N GLY B 57 38.93 -1.21 -11.52
CA GLY B 57 40.28 -0.76 -11.20
C GLY B 57 41.40 -1.56 -11.83
N LEU B 58 41.06 -2.57 -12.64
CA LEU B 58 42.10 -3.34 -13.34
C LEU B 58 42.86 -2.49 -14.32
N HIS B 59 42.23 -1.43 -14.84
CA HIS B 59 42.79 -0.68 -15.97
C HIS B 59 42.76 0.80 -15.63
N MET B 60 43.95 1.40 -15.52
CA MET B 60 44.08 2.83 -15.23
C MET B 60 44.26 3.60 -16.53
N SER B 61 43.69 4.82 -16.58
CA SER B 61 43.89 5.67 -17.74
C SER B 61 45.34 6.15 -17.80
N LYS B 62 45.83 6.34 -19.02
CA LYS B 62 47.14 6.91 -19.29
C LYS B 62 47.05 8.42 -19.52
N ASP B 63 46.04 9.03 -18.88
CA ASP B 63 45.72 10.44 -18.93
C ASP B 63 46.50 11.21 -17.88
N LYS B 64 46.95 12.41 -18.25
CA LYS B 64 47.79 13.22 -17.34
C LYS B 64 47.40 14.71 -17.35
CA ALA C 2 26.43 -24.29 -0.16
C ALA C 2 26.05 -22.80 0.00
N SER C 3 24.76 -22.55 0.22
CA SER C 3 24.27 -21.18 0.23
C SER C 3 24.25 -20.62 1.65
N GLY C 4 24.45 -19.30 1.73
CA GLY C 4 24.47 -18.64 3.02
C GLY C 4 23.12 -18.68 3.73
N ASP C 5 23.18 -18.55 5.04
CA ASP C 5 21.99 -18.61 5.88
C ASP C 5 21.98 -17.35 6.73
N LEU C 6 20.91 -16.56 6.59
CA LEU C 6 20.72 -15.33 7.34
C LEU C 6 19.99 -15.63 8.65
N TYR C 7 20.58 -15.24 9.77
CA TYR C 7 19.94 -15.36 11.07
C TYR C 7 19.89 -14.00 11.75
N GLU C 8 18.97 -13.86 12.69
CA GLU C 8 18.74 -12.59 13.35
C GLU C 8 19.80 -12.30 14.41
N VAL C 9 20.30 -11.07 14.39
CA VAL C 9 21.32 -10.57 15.30
C VAL C 9 20.66 -10.01 16.55
N GLU C 10 21.23 -10.32 17.72
CA GLU C 10 20.80 -9.70 18.98
C GLU C 10 21.59 -8.42 19.25
N ARG C 11 22.93 -8.53 19.29
CA ARG C 11 23.83 -7.39 19.38
C ARG C 11 25.21 -7.86 18.95
N ILE C 12 26.11 -6.89 18.85
CA ILE C 12 27.52 -7.13 18.60
C ILE C 12 28.23 -7.07 19.95
N VAL C 13 29.13 -8.03 20.19
CA VAL C 13 29.77 -8.16 21.50
C VAL C 13 31.18 -7.59 21.40
N ASP C 14 31.81 -7.70 20.23
CA ASP C 14 33.18 -7.23 20.06
C ASP C 14 33.47 -7.13 18.58
N LYS C 15 34.65 -6.57 18.26
CA LYS C 15 35.11 -6.43 16.90
C LYS C 15 36.63 -6.50 16.85
N ARG C 16 37.17 -6.78 15.67
CA ARG C 16 38.60 -6.79 15.41
C ARG C 16 38.82 -6.70 13.91
N LYS C 17 39.95 -6.13 13.49
CA LYS C 17 40.28 -6.11 12.07
C LYS C 17 40.79 -7.47 11.62
N ASN C 18 40.49 -7.83 10.36
CA ASN C 18 41.05 -9.04 9.78
C ASN C 18 42.31 -8.70 8.98
N LYS C 19 42.94 -9.75 8.41
CA LYS C 19 44.18 -9.55 7.66
C LYS C 19 43.98 -8.56 6.52
N LYS C 20 42.80 -8.59 5.89
CA LYS C 20 42.48 -7.62 4.85
C LYS C 20 42.32 -6.21 5.39
N GLY C 21 42.16 -6.04 6.71
CA GLY C 21 41.99 -4.72 7.29
C GLY C 21 40.54 -4.28 7.43
N LYS C 22 39.58 -5.19 7.33
CA LYS C 22 38.17 -4.88 7.46
C LYS C 22 37.63 -5.44 8.78
N TRP C 23 36.48 -4.93 9.22
CA TRP C 23 35.98 -5.31 10.52
C TRP C 23 35.41 -6.73 10.53
N GLU C 24 35.77 -7.49 11.56
CA GLU C 24 35.13 -8.74 11.95
C GLU C 24 34.31 -8.44 13.19
N TYR C 25 33.10 -9.00 13.27
CA TYR C 25 32.21 -8.70 14.37
C TYR C 25 31.83 -9.99 15.09
N LEU C 26 31.97 -9.99 16.41
CA LEU C 26 31.53 -11.11 17.23
C LEU C 26 30.04 -10.95 17.46
N ILE C 27 29.25 -11.84 16.89
CA ILE C 27 27.79 -11.68 16.82
C ILE C 27 27.15 -12.46 17.95
N ARG C 28 26.33 -11.78 18.76
CA ARG C 28 25.38 -12.46 19.63
C ARG C 28 24.09 -12.64 18.83
N TRP C 29 23.74 -13.89 18.54
CA TRP C 29 22.56 -14.21 17.70
C TRP C 29 21.30 -14.24 18.55
N LYS C 30 20.21 -13.69 18.01
CA LYS C 30 18.97 -13.63 18.79
C LYS C 30 18.50 -15.04 19.14
N GLY C 31 18.03 -15.19 20.39
CA GLY C 31 17.64 -16.47 20.95
C GLY C 31 18.77 -17.40 21.34
N TYR C 32 20.00 -16.91 21.36
CA TYR C 32 21.14 -17.77 21.66
C TYR C 32 22.03 -17.11 22.68
N GLY C 33 22.79 -17.94 23.39
CA GLY C 33 23.69 -17.48 24.43
C GLY C 33 25.10 -17.28 23.90
N SER C 34 25.99 -16.93 24.83
CA SER C 34 27.36 -16.62 24.44
C SER C 34 28.08 -17.84 23.85
N THR C 35 27.62 -19.05 24.17
CA THR C 35 28.24 -20.24 23.62
C THR C 35 28.08 -20.31 22.11
N GLU C 36 27.07 -19.64 21.57
CA GLU C 36 26.78 -19.67 20.15
C GLU C 36 27.35 -18.49 19.38
N ASP C 37 28.04 -17.57 20.05
CA ASP C 37 28.59 -16.43 19.35
C ASP C 37 29.54 -16.89 18.25
N THR C 38 29.56 -16.15 17.14
CA THR C 38 30.48 -16.41 16.03
C THR C 38 31.14 -15.10 15.59
N TRP C 39 32.32 -15.23 14.99
CA TRP C 39 33.00 -14.08 14.39
C TRP C 39 32.61 -14.03 12.91
N GLU C 40 32.10 -12.87 12.46
CA GLU C 40 31.56 -12.79 11.11
C GLU C 40 32.13 -11.53 10.46
N PRO C 41 32.77 -11.65 9.29
CA PRO C 41 33.24 -10.46 8.59
C PRO C 41 32.09 -9.48 8.31
N GLU C 42 32.46 -8.22 8.11
CA GLU C 42 31.46 -7.15 8.01
C GLU C 42 30.57 -7.31 6.80
N HIS C 43 31.01 -8.02 5.75
CA HIS C 43 30.15 -8.14 4.57
C HIS C 43 29.05 -9.17 4.77
N HIS C 44 29.06 -9.90 5.88
CA HIS C 44 27.99 -10.84 6.22
C HIS C 44 26.76 -10.15 6.78
N LEU C 45 26.86 -8.88 7.18
CA LEU C 45 25.81 -8.18 7.91
C LEU C 45 24.89 -7.39 6.98
N LEU C 46 23.58 -7.52 7.19
CA LEU C 46 22.60 -6.86 6.33
C LEU C 46 21.89 -5.77 7.13
N HIS C 47 22.10 -4.51 6.74
CA HIS C 47 21.42 -3.36 7.37
C HIS C 47 21.64 -3.36 8.88
N CYS C 48 22.88 -3.69 9.29
CA CYS C 48 23.20 -3.80 10.70
C CYS C 48 23.87 -2.57 11.25
N GLU C 49 23.66 -1.42 10.61
CA GLU C 49 24.38 -0.21 10.99
C GLU C 49 24.13 0.13 12.45
N GLU C 50 22.89 -0.03 12.90
CA GLU C 50 22.52 0.37 14.25
C GLU C 50 23.26 -0.46 15.28
N PHE C 51 23.39 -1.77 15.06
CA PHE C 51 24.16 -2.60 15.97
C PHE C 51 25.61 -2.15 16.04
N ILE C 52 26.22 -1.85 14.89
CA ILE C 52 27.60 -1.40 14.87
C ILE C 52 27.73 -0.08 15.62
N ASP C 53 26.81 0.86 15.38
CA ASP C 53 26.89 2.17 16.04
C ASP C 53 26.74 2.00 17.55
N GLU C 54 25.71 1.24 17.97
CA GLU C 54 25.53 0.91 19.38
CA GLU C 54 25.54 0.93 19.38
C GLU C 54 26.78 0.30 20.00
N PHE C 55 27.43 -0.64 19.29
CA PHE C 55 28.66 -1.21 19.86
C PHE C 55 29.76 -0.15 20.02
N ASN C 56 29.85 0.77 19.06
CA ASN C 56 30.94 1.74 19.01
C ASN C 56 30.70 2.97 19.89
N GLY C 57 29.53 3.07 20.52
CA GLY C 57 29.10 4.33 21.13
C GLY C 57 28.45 5.31 20.18
N LEU C 58 29.08 5.55 19.02
CA LEU C 58 28.60 6.53 18.03
C LEU C 58 27.37 6.05 17.26
N GLY D 1 -19.87 13.61 -16.79
CA GLY D 1 -21.06 12.92 -17.27
C GLY D 1 -21.83 12.14 -16.23
N ALA D 2 -22.83 11.38 -16.69
CA ALA D 2 -23.60 10.50 -15.82
C ALA D 2 -22.71 9.51 -15.10
N SER D 3 -23.01 9.25 -13.82
CA SER D 3 -22.24 8.30 -13.03
C SER D 3 -22.47 6.87 -13.46
N GLY D 4 -23.65 6.57 -14.00
CA GLY D 4 -24.05 5.18 -14.12
C GLY D 4 -24.57 4.66 -12.79
N ASP D 5 -24.66 3.34 -12.69
CA ASP D 5 -25.42 2.73 -11.60
C ASP D 5 -24.51 2.43 -10.41
N LEU D 6 -25.12 2.45 -9.23
CA LEU D 6 -24.54 1.83 -8.06
C LEU D 6 -24.74 0.32 -8.18
N TYR D 7 -23.64 -0.43 -8.19
CA TYR D 7 -23.67 -1.89 -8.16
C TYR D 7 -23.12 -2.38 -6.83
N GLU D 8 -23.52 -3.58 -6.47
CA GLU D 8 -23.16 -4.15 -5.20
C GLU D 8 -21.78 -4.79 -5.26
N VAL D 9 -21.04 -4.68 -4.16
CA VAL D 9 -19.66 -5.14 -4.03
C VAL D 9 -19.63 -6.45 -3.24
N GLU D 10 -18.82 -7.39 -3.70
CA GLU D 10 -18.55 -8.57 -2.90
C GLU D 10 -17.38 -8.32 -1.95
N ARG D 11 -16.25 -7.87 -2.49
CA ARG D 11 -15.08 -7.57 -1.67
C ARG D 11 -14.12 -6.69 -2.46
N ILE D 12 -13.02 -6.32 -1.81
CA ILE D 12 -11.93 -5.60 -2.46
C ILE D 12 -10.74 -6.53 -2.48
N VAL D 13 -10.09 -6.68 -3.64
CA VAL D 13 -9.02 -7.66 -3.75
C VAL D 13 -7.66 -7.05 -4.04
N ASP D 14 -7.57 -5.72 -4.16
CA ASP D 14 -6.28 -5.05 -4.37
C ASP D 14 -6.49 -3.56 -4.22
N LYS D 15 -5.39 -2.81 -4.04
CA LYS D 15 -5.45 -1.35 -4.04
C LYS D 15 -4.16 -0.76 -4.59
N ARG D 16 -4.26 0.49 -5.04
CA ARG D 16 -3.15 1.21 -5.64
C ARG D 16 -3.44 2.71 -5.53
N LYS D 17 -2.39 3.54 -5.70
CA LYS D 17 -2.51 5.00 -5.66
C LYS D 17 -2.75 5.58 -7.05
N ASN D 18 -3.55 6.65 -7.12
CA ASN D 18 -3.61 7.41 -8.37
C ASN D 18 -2.53 8.49 -8.34
N LYS D 19 -2.42 9.28 -9.44
CA LYS D 19 -1.37 10.29 -9.49
C LYS D 19 -1.55 11.36 -8.41
N LYS D 20 -2.74 11.49 -7.84
CA LYS D 20 -2.99 12.42 -6.75
C LYS D 20 -2.80 11.78 -5.38
N GLY D 21 -2.39 10.52 -5.32
CA GLY D 21 -2.13 9.88 -4.04
C GLY D 21 -3.35 9.33 -3.31
N LYS D 22 -4.52 9.32 -3.94
CA LYS D 22 -5.75 8.75 -3.39
C LYS D 22 -5.88 7.29 -3.80
N TRP D 23 -6.49 6.49 -2.94
CA TRP D 23 -6.61 5.05 -3.23
C TRP D 23 -7.55 4.76 -4.40
N GLU D 24 -7.21 3.75 -5.16
CA GLU D 24 -8.12 3.08 -6.08
C GLU D 24 -8.22 1.63 -5.64
N TYR D 25 -9.40 1.02 -5.79
CA TYR D 25 -9.67 -0.29 -5.25
C TYR D 25 -10.12 -1.25 -6.34
N LEU D 26 -9.57 -2.46 -6.34
CA LEU D 26 -9.93 -3.46 -7.35
C LEU D 26 -11.14 -4.20 -6.80
N ILE D 27 -12.28 -4.03 -7.45
CA ILE D 27 -13.58 -4.41 -6.92
C ILE D 27 -13.98 -5.78 -7.49
N ARG D 28 -14.31 -6.71 -6.59
CA ARG D 28 -15.03 -7.92 -6.91
C ARG D 28 -16.53 -7.62 -6.80
N TRP D 29 -17.22 -7.60 -7.94
CA TRP D 29 -18.64 -7.23 -7.96
C TRP D 29 -19.50 -8.43 -7.54
N LYS D 30 -20.45 -8.18 -6.65
CA LYS D 30 -21.31 -9.27 -6.19
C LYS D 30 -22.01 -9.91 -7.36
N GLY D 31 -21.88 -11.24 -7.46
CA GLY D 31 -22.45 -11.99 -8.56
C GLY D 31 -21.52 -12.24 -9.71
N TYR D 32 -20.37 -11.60 -9.75
CA TYR D 32 -19.44 -11.70 -10.86
C TYR D 32 -18.16 -12.41 -10.44
N GLY D 33 -17.37 -12.83 -11.44
CA GLY D 33 -16.08 -13.43 -11.21
C GLY D 33 -14.98 -12.43 -11.42
N SER D 34 -13.74 -12.90 -11.24
CA SER D 34 -12.59 -12.01 -11.30
C SER D 34 -12.41 -11.38 -12.66
N THR D 35 -12.94 -11.99 -13.72
CA THR D 35 -12.84 -11.44 -15.08
C THR D 35 -13.39 -10.03 -15.17
N GLU D 36 -14.41 -9.69 -14.38
CA GLU D 36 -15.08 -8.40 -14.49
C GLU D 36 -14.65 -7.42 -13.41
N ASP D 37 -13.67 -7.79 -12.59
CA ASP D 37 -13.13 -6.86 -11.61
C ASP D 37 -12.74 -5.55 -12.29
N THR D 38 -13.01 -4.42 -11.63
CA THR D 38 -12.61 -3.11 -12.14
C THR D 38 -11.95 -2.27 -11.05
N TRP D 39 -11.01 -1.45 -11.48
CA TRP D 39 -10.35 -0.52 -10.59
C TRP D 39 -11.25 0.69 -10.42
N GLU D 40 -11.64 1.02 -9.18
CA GLU D 40 -12.55 2.15 -8.96
C GLU D 40 -11.93 3.14 -7.99
N PRO D 41 -11.94 4.44 -8.32
CA PRO D 41 -11.53 5.47 -7.35
C PRO D 41 -12.33 5.37 -6.05
N GLU D 42 -11.68 5.76 -4.96
CA GLU D 42 -12.31 5.63 -3.65
C GLU D 42 -13.59 6.44 -3.58
N HIS D 43 -13.68 7.52 -4.35
CA HIS D 43 -14.88 8.34 -4.25
C HIS D 43 -16.07 7.75 -5.02
N HIS D 44 -15.87 6.63 -5.73
CA HIS D 44 -16.96 5.85 -6.29
C HIS D 44 -17.67 4.98 -5.27
N LEU D 45 -17.14 4.88 -4.05
CA LEU D 45 -17.56 3.88 -3.08
C LEU D 45 -18.50 4.51 -2.05
N LEU D 46 -19.60 3.82 -1.75
CA LEU D 46 -20.63 4.29 -0.82
C LEU D 46 -20.65 3.36 0.37
N HIS D 47 -20.27 3.89 1.54
CA HIS D 47 -20.24 3.16 2.81
C HIS D 47 -19.51 1.82 2.68
N CYS D 48 -18.33 1.85 2.06
CA CYS D 48 -17.59 0.62 1.86
C CYS D 48 -16.47 0.43 2.86
N GLU D 49 -16.50 1.13 4.00
CA GLU D 49 -15.41 1.07 4.97
C GLU D 49 -15.08 -0.36 5.41
N GLU D 50 -16.10 -1.19 5.65
CA GLU D 50 -15.81 -2.57 6.04
C GLU D 50 -15.01 -3.29 4.96
N PHE D 51 -15.35 -3.09 3.68
CA PHE D 51 -14.59 -3.75 2.64
C PHE D 51 -13.14 -3.28 2.63
N ILE D 52 -12.94 -1.98 2.87
CA ILE D 52 -11.59 -1.42 2.87
C ILE D 52 -10.80 -1.96 4.05
N ASP D 53 -11.45 -2.00 5.23
CA ASP D 53 -10.82 -2.58 6.41
C ASP D 53 -10.57 -4.08 6.24
N GLU D 54 -11.48 -4.78 5.58
CA GLU D 54 -11.27 -6.20 5.34
C GLU D 54 -10.04 -6.43 4.46
N PHE D 55 -9.91 -5.66 3.37
CA PHE D 55 -8.75 -5.77 2.51
C PHE D 55 -7.47 -5.39 3.25
N ASN D 56 -7.52 -4.31 4.03
CA ASN D 56 -6.34 -3.89 4.77
C ASN D 56 -5.96 -4.82 5.91
N GLY D 57 -6.83 -5.76 6.29
CA GLY D 57 -6.47 -6.83 7.20
C GLY D 57 -6.10 -8.16 6.56
N LEU D 58 -5.96 -8.24 5.24
CA LEU D 58 -5.61 -9.51 4.60
C LEU D 58 -4.29 -10.07 5.10
N HIS D 59 -3.32 -9.22 5.45
CA HIS D 59 -2.04 -9.71 5.92
C HIS D 59 -2.17 -10.60 7.16
N MET D 60 -3.27 -10.50 7.91
CA MET D 60 -3.43 -11.37 9.07
C MET D 60 -4.68 -12.24 8.96
N SER D 61 -5.16 -12.51 7.74
CA SER D 61 -6.35 -13.33 7.60
C SER D 61 -6.09 -14.79 7.94
N LYS D 62 -4.83 -15.25 7.89
CA LYS D 62 -4.47 -16.57 8.41
C LYS D 62 -4.72 -16.68 9.90
N ASP D 63 -4.85 -15.55 10.58
CA ASP D 63 -5.10 -15.51 12.01
C ASP D 63 -6.57 -15.27 12.36
N LYS D 64 -7.42 -15.09 11.36
CA LYS D 64 -8.82 -14.86 11.63
C LYS D 64 -9.48 -16.15 12.13
N GLY E 4 -30.16 -0.12 -8.19
CA GLY E 4 -29.09 0.88 -8.04
C GLY E 4 -29.55 2.33 -8.20
N ASP E 5 -30.85 2.54 -8.04
CA ASP E 5 -31.46 3.86 -8.16
C ASP E 5 -31.64 4.45 -6.77
N LEU E 6 -31.23 5.70 -6.58
CA LEU E 6 -31.48 6.40 -5.33
C LEU E 6 -32.86 7.03 -5.36
N TYR E 7 -33.58 6.94 -4.23
CA TYR E 7 -34.92 7.52 -4.09
C TYR E 7 -34.96 8.42 -2.87
N GLU E 8 -35.79 9.46 -2.94
CA GLU E 8 -35.85 10.45 -1.86
C GLU E 8 -36.56 9.89 -0.64
N VAL E 9 -36.08 10.25 0.52
CA VAL E 9 -36.59 9.80 1.80
C VAL E 9 -37.44 10.91 2.40
N GLU E 10 -38.61 10.55 2.90
CA GLU E 10 -39.46 11.49 3.64
C GLU E 10 -39.13 11.45 5.12
N ARG E 11 -39.00 10.27 5.71
CA ARG E 11 -38.52 10.14 7.08
C ARG E 11 -38.39 8.66 7.43
N ILE E 12 -37.85 8.42 8.62
CA ILE E 12 -37.61 7.07 9.13
C ILE E 12 -38.65 6.78 10.20
N VAL E 13 -39.37 5.67 10.08
CA VAL E 13 -40.46 5.40 11.00
C VAL E 13 -40.15 4.31 12.01
N ASP E 14 -39.09 3.52 11.83
CA ASP E 14 -38.72 2.52 12.83
C ASP E 14 -37.26 2.15 12.58
N LYS E 15 -36.68 1.38 13.52
CA LYS E 15 -35.32 0.87 13.30
C LYS E 15 -35.14 -0.42 14.09
N ARG E 16 -34.13 -1.19 13.68
CA ARG E 16 -33.84 -2.51 14.24
C ARG E 16 -32.41 -2.88 13.84
N LYS E 17 -31.80 -3.80 14.58
CA LYS E 17 -30.44 -4.27 14.27
C LYS E 17 -30.50 -5.54 13.42
N ASN E 18 -29.57 -5.67 12.46
CA ASN E 18 -29.43 -6.93 11.74
C ASN E 18 -28.57 -7.90 12.56
N LYS E 19 -28.40 -9.13 12.07
CA LYS E 19 -27.59 -10.10 12.81
C LYS E 19 -26.18 -9.59 13.04
N LYS E 20 -25.61 -8.89 12.06
CA LYS E 20 -24.27 -8.35 12.21
C LYS E 20 -24.23 -7.09 13.08
N GLY E 21 -25.36 -6.70 13.68
CA GLY E 21 -25.36 -5.60 14.61
C GLY E 21 -25.45 -4.22 13.99
N LYS E 22 -25.69 -4.14 12.69
CA LYS E 22 -25.81 -2.86 12.00
C LYS E 22 -27.28 -2.45 11.90
N TRP E 23 -27.53 -1.14 12.03
CA TRP E 23 -28.89 -0.63 11.97
C TRP E 23 -29.54 -0.87 10.61
N GLU E 24 -30.83 -1.21 10.64
CA GLU E 24 -31.73 -1.17 9.49
C GLU E 24 -32.85 -0.18 9.81
N TYR E 25 -33.34 0.54 8.79
CA TYR E 25 -34.31 1.61 9.01
C TYR E 25 -35.56 1.39 8.17
N LEU E 26 -36.72 1.67 8.76
CA LEU E 26 -37.99 1.56 8.05
C LEU E 26 -38.22 2.88 7.34
N ILE E 27 -38.11 2.88 6.01
CA ILE E 27 -38.04 4.13 5.25
C ILE E 27 -39.43 4.48 4.76
N ARG E 28 -39.87 5.70 5.07
CA ARG E 28 -41.06 6.29 4.44
C ARG E 28 -40.59 7.06 3.22
N TRP E 29 -40.95 6.59 2.02
CA TRP E 29 -40.45 7.16 0.77
C TRP E 29 -41.31 8.35 0.34
N LYS E 30 -40.66 9.49 0.11
CA LYS E 30 -41.40 10.69 -0.32
C LYS E 30 -42.21 10.40 -1.56
N GLY E 31 -43.45 10.90 -1.57
CA GLY E 31 -44.39 10.62 -2.63
C GLY E 31 -45.16 9.35 -2.45
N TYR E 32 -44.84 8.59 -1.42
CA TYR E 32 -45.49 7.33 -1.15
C TYR E 32 -45.97 7.35 0.31
N GLY E 33 -46.63 6.27 0.70
CA GLY E 33 -47.09 6.16 2.06
C GLY E 33 -46.70 4.82 2.67
N SER E 34 -47.39 4.47 3.77
CA SER E 34 -47.03 3.35 4.63
C SER E 34 -46.93 2.03 3.87
N THR E 35 -47.80 1.82 2.86
CA THR E 35 -47.77 0.53 2.16
C THR E 35 -46.50 0.34 1.35
N GLU E 36 -45.77 1.41 1.04
CA GLU E 36 -44.50 1.29 0.34
C GLU E 36 -43.29 1.27 1.27
N ASP E 37 -43.47 1.37 2.59
CA ASP E 37 -42.32 1.43 3.50
C ASP E 37 -41.44 0.19 3.31
N THR E 38 -40.13 0.37 3.30
CA THR E 38 -39.21 -0.76 3.18
C THR E 38 -38.14 -0.66 4.26
N TRP E 39 -37.67 -1.82 4.72
CA TRP E 39 -36.55 -1.87 5.64
C TRP E 39 -35.27 -1.79 4.83
N GLU E 40 -34.44 -0.80 5.13
CA GLU E 40 -33.22 -0.61 4.36
C GLU E 40 -31.99 -0.70 5.27
N PRO E 41 -30.94 -1.39 4.84
CA PRO E 41 -29.68 -1.36 5.59
C PRO E 41 -29.13 0.06 5.65
N GLU E 42 -28.37 0.35 6.72
CA GLU E 42 -27.87 1.71 6.92
C GLU E 42 -26.95 2.13 5.78
N HIS E 43 -26.28 1.17 5.16
CA HIS E 43 -25.36 1.55 4.10
C HIS E 43 -26.09 1.88 2.80
N HIS E 44 -27.42 1.71 2.73
CA HIS E 44 -28.21 2.20 1.61
C HIS E 44 -28.43 3.71 1.64
N LEU E 45 -28.16 4.37 2.76
CA LEU E 45 -28.60 5.75 2.98
C LEU E 45 -27.46 6.74 2.74
N LEU E 46 -27.79 7.82 2.04
CA LEU E 46 -26.83 8.87 1.68
C LEU E 46 -27.14 10.15 2.47
N HIS E 47 -26.28 10.46 3.42
CA HIS E 47 -26.41 11.67 4.20
C HIS E 47 -27.75 11.75 4.92
N CYS E 48 -28.19 10.64 5.53
CA CYS E 48 -29.50 10.58 6.18
C CYS E 48 -29.42 10.78 7.69
N GLU E 49 -28.29 11.29 8.19
CA GLU E 49 -28.08 11.36 9.63
C GLU E 49 -29.10 12.27 10.31
N GLU E 50 -29.58 13.29 9.60
CA GLU E 50 -30.63 14.15 10.14
C GLU E 50 -31.91 13.37 10.39
N PHE E 51 -32.29 12.48 9.45
CA PHE E 51 -33.45 11.62 9.65
C PHE E 51 -33.23 10.65 10.81
N ILE E 52 -32.01 10.12 10.91
CA ILE E 52 -31.66 9.23 12.03
C ILE E 52 -31.70 9.99 13.34
N ASP E 53 -31.16 11.20 13.35
CA ASP E 53 -31.19 12.02 14.56
C ASP E 53 -32.62 12.40 14.93
N GLU E 54 -33.39 12.86 13.95
CA GLU E 54 -34.81 13.15 14.18
CA GLU E 54 -34.80 13.17 14.24
C GLU E 54 -35.53 11.96 14.77
N PHE E 55 -35.33 10.78 14.18
CA PHE E 55 -36.01 9.58 14.67
C PHE E 55 -35.56 9.21 16.09
N ASN E 56 -34.27 9.37 16.40
CA ASN E 56 -33.79 9.05 17.74
C ASN E 56 -34.12 10.14 18.75
N GLY E 57 -34.46 11.35 18.31
CA GLY E 57 -34.83 12.44 19.20
C GLY E 57 -36.32 12.62 19.42
N LEU E 58 -37.15 11.67 18.98
CA LEU E 58 -38.59 11.84 19.08
C LEU E 58 -39.05 11.94 20.53
N HIS E 59 -38.32 11.31 21.45
CA HIS E 59 -38.76 11.16 22.84
C HIS E 59 -37.66 11.55 23.82
N GLY F 4 -33.33 9.74 -8.81
CA GLY F 4 -32.11 10.54 -8.70
C GLY F 4 -31.09 10.25 -9.80
N ASP F 5 -30.29 11.25 -10.18
CA ASP F 5 -29.31 11.13 -11.27
C ASP F 5 -28.00 11.78 -10.83
N LEU F 6 -26.96 10.98 -10.62
CA LEU F 6 -25.64 11.51 -10.27
C LEU F 6 -24.86 11.90 -11.51
N TYR F 7 -24.18 13.05 -11.45
CA TYR F 7 -23.29 13.51 -12.51
C TYR F 7 -21.97 13.98 -11.91
N GLU F 8 -20.93 13.93 -12.73
CA GLU F 8 -19.61 14.32 -12.23
C GLU F 8 -19.53 15.84 -12.07
N VAL F 9 -18.91 16.27 -10.99
CA VAL F 9 -18.71 17.69 -10.67
C VAL F 9 -17.40 18.18 -11.27
N GLU F 10 -17.42 19.40 -11.81
CA GLU F 10 -16.19 20.07 -12.20
C GLU F 10 -15.61 20.88 -11.06
N ARG F 11 -16.42 21.76 -10.48
CA ARG F 11 -16.01 22.59 -9.34
C ARG F 11 -17.29 23.21 -8.77
N ILE F 12 -17.15 23.80 -7.61
CA ILE F 12 -18.23 24.54 -6.96
C ILE F 12 -18.03 26.02 -7.26
N VAL F 13 -19.09 26.66 -7.78
CA VAL F 13 -18.99 28.06 -8.17
C VAL F 13 -19.34 29.00 -7.01
N ASP F 14 -20.24 28.59 -6.12
CA ASP F 14 -20.73 29.47 -5.07
C ASP F 14 -21.54 28.64 -4.08
N LYS F 15 -21.88 29.27 -2.95
CA LYS F 15 -22.65 28.58 -1.94
C LYS F 15 -23.52 29.58 -1.19
N ARG F 16 -24.44 29.06 -0.41
CA ARG F 16 -25.27 29.86 0.49
C ARG F 16 -26.04 28.91 1.40
N LYS F 17 -26.54 29.45 2.53
CA LYS F 17 -27.40 28.67 3.42
C LYS F 17 -28.81 28.63 2.88
N ASN F 18 -29.50 27.50 3.09
CA ASN F 18 -30.88 27.40 2.63
C ASN F 18 -31.86 27.55 3.79
N LYS F 19 -33.16 27.51 3.45
CA LYS F 19 -34.22 27.76 4.43
C LYS F 19 -34.12 26.82 5.62
N LYS F 20 -33.62 25.60 5.39
CA LYS F 20 -33.45 24.66 6.50
C LYS F 20 -32.27 25.03 7.38
N GLY F 21 -31.28 25.73 6.83
CA GLY F 21 -30.08 26.06 7.56
C GLY F 21 -28.82 25.38 7.10
N LYS F 22 -28.86 24.61 6.02
CA LYS F 22 -27.72 23.84 5.52
C LYS F 22 -27.14 24.52 4.29
N TRP F 23 -25.94 24.09 3.89
CA TRP F 23 -25.33 24.68 2.73
C TRP F 23 -26.00 24.21 1.45
N GLU F 24 -26.04 25.11 0.48
CA GLU F 24 -26.47 24.85 -0.88
C GLU F 24 -25.34 25.29 -1.81
N TYR F 25 -24.96 24.46 -2.79
CA TYR F 25 -23.79 24.76 -3.61
C TYR F 25 -24.17 24.90 -5.08
N LEU F 26 -23.57 25.87 -5.76
CA LEU F 26 -23.83 26.08 -7.18
C LEU F 26 -22.79 25.28 -7.98
N ILE F 27 -23.25 24.26 -8.69
CA ILE F 27 -22.38 23.24 -9.25
C ILE F 27 -22.06 23.59 -10.70
N ARG F 28 -20.78 23.62 -11.05
CA ARG F 28 -20.34 23.52 -12.43
C ARG F 28 -20.18 22.03 -12.74
N TRP F 29 -21.01 21.50 -13.65
CA TRP F 29 -20.95 20.09 -13.98
C TRP F 29 -19.91 19.81 -15.05
N LYS F 30 -19.14 18.74 -14.85
CA LYS F 30 -18.11 18.37 -15.81
C LYS F 30 -18.71 18.11 -17.19
N GLY F 31 -18.13 18.75 -18.21
CA GLY F 31 -18.66 18.67 -19.57
C GLY F 31 -19.64 19.78 -19.94
N TYR F 32 -20.07 20.61 -19.00
CA TYR F 32 -21.07 21.63 -19.28
C TYR F 32 -20.53 22.98 -18.86
N GLY F 33 -21.18 24.05 -19.35
CA GLY F 33 -20.81 25.42 -19.06
C GLY F 33 -21.77 26.08 -18.07
N SER F 34 -21.49 27.37 -17.81
CA SER F 34 -22.20 28.10 -16.76
C SER F 34 -23.70 28.12 -16.96
N THR F 35 -24.17 28.02 -18.20
CA THR F 35 -25.61 28.00 -18.45
C THR F 35 -26.31 26.77 -17.88
N GLU F 36 -25.55 25.75 -17.46
CA GLU F 36 -26.12 24.52 -16.95
C GLU F 36 -25.83 24.30 -15.46
N ASP F 37 -25.24 25.28 -14.79
CA ASP F 37 -25.06 25.23 -13.34
C ASP F 37 -26.39 25.01 -12.63
N THR F 38 -26.37 24.29 -11.51
CA THR F 38 -27.57 24.09 -10.71
C THR F 38 -27.24 24.24 -9.22
N TRP F 39 -28.23 24.71 -8.45
CA TRP F 39 -28.09 24.81 -6.99
C TRP F 39 -28.49 23.48 -6.36
N GLU F 40 -27.55 22.84 -5.68
CA GLU F 40 -27.83 21.55 -5.08
C GLU F 40 -27.56 21.60 -3.57
N PRO F 41 -28.48 21.11 -2.75
CA PRO F 41 -28.23 21.04 -1.32
C PRO F 41 -27.10 20.05 -1.02
N GLU F 42 -26.49 20.22 0.15
CA GLU F 42 -25.23 19.53 0.40
C GLU F 42 -25.44 18.02 0.45
N HIS F 43 -26.64 17.58 0.79
CA HIS F 43 -26.83 16.14 0.89
C HIS F 43 -26.85 15.44 -0.47
N HIS F 44 -26.81 16.22 -1.56
CA HIS F 44 -26.70 15.65 -2.89
C HIS F 44 -25.28 15.24 -3.23
N LEU F 45 -24.28 15.68 -2.47
CA LEU F 45 -22.88 15.56 -2.86
C LEU F 45 -22.25 14.29 -2.28
N LEU F 46 -21.67 13.46 -3.16
CA LEU F 46 -20.98 12.23 -2.74
C LEU F 46 -19.49 12.49 -2.76
N HIS F 47 -18.85 12.38 -1.58
CA HIS F 47 -17.40 12.52 -1.40
C HIS F 47 -16.83 13.76 -2.10
N CYS F 48 -17.58 14.86 -2.04
CA CYS F 48 -17.15 16.12 -2.65
C CYS F 48 -16.41 17.06 -1.68
N GLU F 49 -15.81 16.52 -0.61
CA GLU F 49 -15.08 17.34 0.37
C GLU F 49 -14.03 18.22 -0.28
N GLU F 50 -13.26 17.67 -1.23
CA GLU F 50 -12.22 18.45 -1.89
C GLU F 50 -12.80 19.67 -2.60
N PHE F 51 -13.96 19.53 -3.25
CA PHE F 51 -14.53 20.65 -3.99
C PHE F 51 -14.99 21.77 -3.05
N ILE F 52 -15.50 21.38 -1.89
CA ILE F 52 -15.97 22.33 -0.88
C ILE F 52 -14.79 23.06 -0.28
N ASP F 53 -13.73 22.33 0.06
CA ASP F 53 -12.50 22.94 0.56
C ASP F 53 -11.93 23.91 -0.47
N GLU F 54 -11.80 23.42 -1.72
CA GLU F 54 -11.33 24.26 -2.80
CA GLU F 54 -11.35 24.26 -2.82
C GLU F 54 -12.11 25.57 -2.87
N PHE F 55 -13.45 25.51 -2.80
CA PHE F 55 -14.24 26.73 -2.89
C PHE F 55 -14.01 27.63 -1.69
N ASN F 56 -13.89 27.05 -0.50
CA ASN F 56 -13.71 27.83 0.71
C ASN F 56 -12.31 28.39 0.85
N GLY F 57 -11.39 28.06 -0.04
CA GLY F 57 -10.07 28.66 -0.04
C GLY F 57 -9.01 27.95 0.79
N LEU F 58 -9.24 26.67 1.10
CA LEU F 58 -8.27 25.88 1.86
N PHE G 2 -31.61 10.90 0.42
CA PHE G 2 -31.77 9.83 -0.58
C PHE G 2 -31.18 8.50 -0.09
N ALA G 3 -31.71 7.40 -0.60
CA ALA G 3 -31.27 6.08 -0.21
C ALA G 3 -31.60 5.07 -1.31
N LEU G 4 -30.86 3.97 -1.33
CA LEU G 4 -31.20 2.87 -2.23
C LEU G 4 -32.47 2.21 -1.72
N PHE H 2 -18.92 13.05 -7.65
CA PHE H 2 -20.33 12.93 -8.11
C PHE H 2 -21.34 13.53 -7.16
N ALA H 3 -22.37 14.17 -7.73
CA ALA H 3 -23.45 14.83 -6.99
C ALA H 3 -24.77 14.56 -7.70
N LEU H 4 -25.89 14.53 -6.95
CA LEU H 4 -27.21 14.46 -7.58
C LEU H 4 -27.57 15.78 -8.25
N PHE I 2 14.66 -8.21 -4.01
CA PHE I 2 14.42 -9.28 -3.01
C PHE I 2 14.32 -8.79 -1.56
N ALA I 3 13.57 -9.53 -0.74
CA ALA I 3 13.37 -9.14 0.64
C ALA I 3 13.04 -10.35 1.48
N LEU I 4 13.46 -10.31 2.75
CA LEU I 4 13.14 -11.34 3.72
C LEU I 4 11.68 -11.31 3.98
N PHE J 2 28.98 -11.99 -1.12
CA PHE J 2 27.86 -12.91 -1.51
C PHE J 2 26.86 -12.27 -2.45
N ALA J 3 26.24 -13.09 -3.30
CA ALA J 3 25.31 -12.59 -4.28
C ALA J 3 24.28 -13.66 -4.52
N LEU J 4 23.12 -13.27 -5.02
CA LEU J 4 22.11 -14.25 -5.41
C LEU J 4 22.50 -14.86 -6.75
N PHE K 2 19.75 -8.69 10.34
CA PHE K 2 20.19 -10.03 9.89
C PHE K 2 21.58 -10.10 9.35
N ALA K 3 22.24 -11.24 9.61
CA ALA K 3 23.59 -11.48 9.16
C ALA K 3 23.84 -12.96 8.86
N LEU K 4 24.71 -13.22 7.89
CA LEU K 4 25.11 -14.58 7.54
C LEU K 4 25.95 -15.20 8.65
N PHE L 2 -22.25 -0.76 -1.87
CA PHE L 2 -22.42 -0.36 -3.30
C PHE L 2 -21.36 0.63 -3.81
N ALA L 3 -21.11 0.59 -5.10
CA ALA L 3 -20.10 1.45 -5.70
C ALA L 3 -20.44 1.78 -7.14
N LEU L 4 -19.92 2.91 -7.61
CA LEU L 4 -20.03 3.30 -9.00
C LEU L 4 -19.03 2.53 -9.84
#